data_8CAA
#
_entry.id   8CAA
#
_cell.length_a   35.729
_cell.length_b   89.397
_cell.length_c   135.473
_cell.angle_alpha   90
_cell.angle_beta   90
_cell.angle_gamma   90
#
_symmetry.space_group_name_H-M   'P 21 21 21'
#
loop_
_entity.id
_entity.type
_entity.pdbx_description
1 polymer 'Transcriptional enhancer factor TEF-3'
2 non-polymer 4-[bis(fluoranyl)methoxy]-2-[(2~{S})-5-chloranyl-6-fluoranyl-2-[[(4-oxidanylcyclohexyl)amino]methyl]-2-phenyl-3~{H}-1-benzofuran-4-yl]-3-fluoranyl-benzamide
3 non-polymer '(2~{R})-2-[2-chloranyl-5-[2-chloranyl-4-(trifluoromethyl)phenoxy]phenyl]sulfanylpropanoic acid'
4 non-polymer 'PHOSPHATE ION'
5 water water
#
_entity_poly.entity_id   1
_entity_poly.type   'polypeptide(L)'
_entity_poly.pdbx_seq_one_letter_code
;GPRSVASSKLWMLEFSAFLEQQQDPDTYNKHLFVHIGQSSPSYSDPYLEAVDIRQIYDKFPEKKGGLKDLFERGPSNAFF
LVKFWADLNTNIEDEGSSFYGVSSQYESPENMIITCSTKVCSFGKQVVEKVETEYARYENGHYSYRIHRSPLCEYMINFI
HKLKHLPEKYMMNSVLENFTILQVVTNRDTQETLLCIAYVFEVSASEHGAQHHIYRLVKE
;
_entity_poly.pdbx_strand_id   A,B
#
loop_
_chem_comp.id
_chem_comp.type
_chem_comp.name
_chem_comp.formula
PO4 non-polymer 'PHOSPHATE ION' 'O4 P -3'
U3F non-polymer 4-[bis(fluoranyl)methoxy]-2-[(2~{S})-5-chloranyl-6-fluoranyl-2-[[(4-oxidanylcyclohexyl)amino]methyl]-2-phenyl-3~{H}-1-benzofuran-4-yl]-3-fluoranyl-benzamide 'C29 H27 Cl F4 N2 O4'
U3O non-polymer '(2~{R})-2-[2-chloranyl-5-[2-chloranyl-4-(trifluoromethyl)phenoxy]phenyl]sulfanylpropanoic acid' 'C16 H11 Cl2 F3 O3 S'
#
# COMPACT_ATOMS: atom_id res chain seq x y z
N ARG A 3 -14.29 -7.42 -12.57
CA ARG A 3 -15.21 -6.29 -12.44
C ARG A 3 -16.55 -6.74 -11.85
N SER A 4 -16.53 -7.70 -10.92
CA SER A 4 -17.75 -8.27 -10.34
C SER A 4 -18.51 -7.29 -9.45
N VAL A 5 -17.94 -6.91 -8.29
CA VAL A 5 -18.59 -5.99 -7.35
C VAL A 5 -18.52 -4.55 -7.87
N ALA A 6 -19.48 -4.19 -8.69
CA ALA A 6 -19.51 -2.89 -9.31
C ALA A 6 -20.90 -2.40 -9.59
N SER A 7 -21.26 -1.22 -9.08
CA SER A 7 -22.51 -0.58 -9.44
C SER A 7 -22.16 0.29 -10.71
N SER A 8 -23.05 1.21 -11.14
CA SER A 8 -22.72 2.10 -12.24
C SER A 8 -21.81 3.27 -11.79
N LYS A 9 -21.65 3.51 -10.46
CA LYS A 9 -20.82 4.62 -9.97
C LYS A 9 -19.57 4.20 -9.19
N LEU A 10 -19.48 2.94 -8.68
CA LEU A 10 -18.32 2.49 -7.92
C LEU A 10 -18.00 1.00 -8.17
N TRP A 11 -16.74 0.67 -8.36
CA TRP A 11 -16.30 -0.71 -8.57
C TRP A 11 -15.26 -1.03 -7.48
N MET A 12 -15.46 -2.10 -6.71
CA MET A 12 -14.47 -2.52 -5.72
C MET A 12 -13.52 -3.48 -6.46
N LEU A 13 -12.30 -3.04 -6.79
CA LEU A 13 -11.33 -3.88 -7.53
C LEU A 13 -10.65 -4.90 -6.68
N GLU A 14 -10.42 -4.56 -5.42
CA GLU A 14 -9.66 -5.42 -4.53
C GLU A 14 -10.14 -5.28 -3.10
N PHE A 15 -10.05 -6.37 -2.35
CA PHE A 15 -10.36 -6.42 -0.94
C PHE A 15 -9.54 -7.54 -0.33
N SER A 16 -8.99 -7.31 0.86
CA SER A 16 -8.33 -8.38 1.60
C SER A 16 -8.35 -8.11 3.10
N ALA A 17 -8.42 -9.16 3.90
CA ALA A 17 -8.32 -9.05 5.36
C ALA A 17 -7.10 -9.91 5.69
N PHE A 18 -6.18 -9.37 6.50
CA PHE A 18 -4.92 -10.05 6.70
C PHE A 18 -4.34 -9.96 8.10
N LEU A 19 -3.31 -10.76 8.35
CA LEU A 19 -2.53 -10.74 9.56
C LEU A 19 -1.07 -10.59 9.06
N GLU A 20 -0.40 -9.53 9.48
CA GLU A 20 0.98 -9.30 9.12
C GLU A 20 1.81 -9.40 10.41
N GLN A 21 2.89 -10.18 10.40
CA GLN A 21 3.75 -10.34 11.56
C GLN A 21 5.14 -9.82 11.24
N GLN A 22 5.73 -9.09 12.17
CA GLN A 22 7.08 -8.59 12.02
C GLN A 22 8.05 -9.52 12.76
N GLN A 23 8.85 -10.30 12.02
CA GLN A 23 9.84 -11.19 12.62
C GLN A 23 11.02 -10.34 13.13
N ASP A 24 11.47 -9.38 12.31
CA ASP A 24 12.52 -8.42 12.65
C ASP A 24 12.30 -7.12 11.84
N PRO A 25 13.09 -6.03 12.03
CA PRO A 25 12.81 -4.78 11.28
C PRO A 25 12.73 -4.95 9.77
N ASP A 26 13.43 -5.96 9.22
CA ASP A 26 13.42 -6.17 7.78
C ASP A 26 12.66 -7.40 7.31
N THR A 27 12.01 -8.14 8.20
CA THR A 27 11.36 -9.39 7.83
C THR A 27 9.93 -9.43 8.26
N TYR A 28 9.03 -9.59 7.31
CA TYR A 28 7.60 -9.58 7.57
C TYR A 28 6.94 -10.79 6.93
N ASN A 29 5.93 -11.32 7.58
CA ASN A 29 5.14 -12.43 7.05
C ASN A 29 3.71 -11.92 6.94
N LYS A 30 2.99 -12.25 5.86
CA LYS A 30 1.61 -11.84 5.73
C LYS A 30 0.72 -13.01 5.36
N HIS A 31 -0.37 -13.19 6.11
CA HIS A 31 -1.36 -14.22 5.87
C HIS A 31 -2.67 -13.56 5.44
N LEU A 32 -3.30 -14.04 4.35
CA LEU A 32 -4.60 -13.50 3.93
C LEU A 32 -5.72 -14.39 4.43
N PHE A 33 -6.66 -13.83 5.20
CA PHE A 33 -7.81 -14.57 5.68
C PHE A 33 -8.82 -14.70 4.53
N VAL A 34 -9.11 -13.60 3.85
CA VAL A 34 -10.04 -13.55 2.70
C VAL A 34 -9.47 -12.54 1.70
N HIS A 35 -9.81 -12.72 0.43
CA HIS A 35 -9.34 -11.84 -0.63
C HIS A 35 -10.19 -11.91 -1.89
N ILE A 36 -10.32 -10.76 -2.55
CA ILE A 36 -11.00 -10.58 -3.83
C ILE A 36 -10.07 -9.71 -4.69
N GLY A 37 -9.89 -10.08 -5.96
CA GLY A 37 -9.09 -9.33 -6.91
C GLY A 37 -7.58 -9.48 -6.76
N ASP A 45 -16.91 -14.15 -19.59
CA ASP A 45 -18.18 -13.55 -19.22
C ASP A 45 -18.18 -13.27 -17.74
N PRO A 46 -18.29 -12.00 -17.34
CA PRO A 46 -18.29 -11.66 -15.91
C PRO A 46 -19.66 -11.78 -15.24
N TYR A 47 -20.58 -12.57 -15.81
CA TYR A 47 -21.93 -12.77 -15.29
C TYR A 47 -21.95 -13.29 -13.84
N LEU A 48 -22.81 -12.70 -13.00
CA LEU A 48 -22.98 -13.14 -11.62
C LEU A 48 -24.42 -13.66 -11.43
N GLU A 49 -24.58 -14.76 -10.68
CA GLU A 49 -25.90 -15.26 -10.35
C GLU A 49 -26.58 -14.29 -9.38
N ALA A 50 -27.90 -14.38 -9.29
CA ALA A 50 -28.67 -13.52 -8.41
C ALA A 50 -29.16 -14.33 -7.23
N VAL A 51 -29.34 -13.65 -6.11
CA VAL A 51 -29.84 -14.22 -4.87
C VAL A 51 -30.98 -13.30 -4.43
N ASP A 52 -32.13 -13.87 -4.05
CA ASP A 52 -33.24 -13.08 -3.52
C ASP A 52 -32.81 -12.53 -2.16
N ILE A 53 -32.82 -11.21 -2.03
CA ILE A 53 -32.36 -10.57 -0.82
C ILE A 53 -33.20 -10.93 0.42
N ARG A 54 -34.47 -11.34 0.23
CA ARG A 54 -35.32 -11.75 1.35
C ARG A 54 -34.79 -13.00 2.05
N GLN A 55 -33.93 -13.79 1.40
CA GLN A 55 -33.29 -14.98 1.99
C GLN A 55 -32.32 -14.61 3.10
N ILE A 56 -31.78 -13.38 3.10
CA ILE A 56 -30.73 -13.01 4.06
C ILE A 56 -31.10 -11.90 5.01
N TYR A 57 -32.27 -11.24 4.82
CA TYR A 57 -32.73 -10.14 5.67
C TYR A 57 -32.60 -10.34 7.19
N ASP A 58 -32.92 -11.53 7.73
CA ASP A 58 -32.86 -11.74 9.19
C ASP A 58 -31.45 -11.93 9.74
N LYS A 59 -30.43 -11.98 8.87
CA LYS A 59 -29.04 -12.11 9.33
C LYS A 59 -28.29 -10.75 9.31
N PHE A 60 -29.01 -9.66 8.99
CA PHE A 60 -28.49 -8.30 8.92
C PHE A 60 -29.42 -7.35 9.70
N PRO A 61 -28.92 -6.19 10.14
CA PRO A 61 -29.80 -5.24 10.87
C PRO A 61 -30.97 -4.79 9.99
N GLU A 62 -32.19 -4.69 10.56
CA GLU A 62 -33.39 -4.39 9.78
C GLU A 62 -34.29 -3.24 10.25
N LYS A 63 -33.75 -2.23 10.95
CA LYS A 63 -34.60 -1.10 11.35
C LYS A 63 -34.51 0.00 10.25
N LYS A 64 -34.72 1.30 10.58
CA LYS A 64 -34.53 2.37 9.58
C LYS A 64 -33.02 2.41 9.26
N GLY A 65 -32.70 2.39 7.98
CA GLY A 65 -31.30 2.33 7.57
C GLY A 65 -30.72 0.92 7.53
N GLY A 66 -31.56 -0.09 7.73
CA GLY A 66 -31.15 -1.48 7.67
C GLY A 66 -31.06 -1.99 6.23
N LEU A 67 -30.66 -3.25 6.05
CA LEU A 67 -30.50 -3.80 4.71
C LEU A 67 -31.75 -3.64 3.79
N LYS A 68 -32.95 -3.96 4.29
CA LYS A 68 -34.18 -3.83 3.48
C LYS A 68 -34.45 -2.38 3.08
N ASP A 69 -34.31 -1.45 4.03
CA ASP A 69 -34.50 -0.02 3.76
C ASP A 69 -33.49 0.45 2.71
N LEU A 70 -32.24 0.03 2.86
CA LEU A 70 -31.17 0.36 1.92
C LEU A 70 -31.49 -0.17 0.53
N PHE A 71 -31.86 -1.47 0.43
CA PHE A 71 -32.18 -2.10 -0.86
C PHE A 71 -33.34 -1.42 -1.57
N GLU A 72 -34.42 -1.09 -0.82
CA GLU A 72 -35.61 -0.45 -1.35
C GLU A 72 -35.36 0.97 -1.83
N ARG A 73 -34.49 1.71 -1.13
CA ARG A 73 -34.09 3.04 -1.60
C ARG A 73 -33.25 2.91 -2.89
N GLY A 74 -32.46 1.83 -3.01
CA GLY A 74 -31.66 1.54 -4.19
C GLY A 74 -30.44 2.43 -4.36
N PRO A 75 -29.80 2.43 -5.55
CA PRO A 75 -30.10 1.61 -6.74
C PRO A 75 -29.84 0.12 -6.45
N SER A 76 -30.78 -0.77 -6.81
CA SER A 76 -30.63 -2.19 -6.51
C SER A 76 -29.42 -2.86 -7.20
N ASN A 77 -28.90 -2.25 -8.30
CA ASN A 77 -27.71 -2.81 -8.97
C ASN A 77 -26.39 -2.53 -8.20
N ALA A 78 -26.46 -1.86 -7.05
CA ALA A 78 -25.28 -1.63 -6.21
C ALA A 78 -25.18 -2.72 -5.10
N PHE A 79 -26.11 -3.70 -5.05
CA PHE A 79 -26.24 -4.68 -3.98
C PHE A 79 -25.72 -6.05 -4.32
N PHE A 80 -24.81 -6.55 -3.47
CA PHE A 80 -24.12 -7.81 -3.70
C PHE A 80 -24.02 -8.66 -2.44
N LEU A 81 -23.99 -9.99 -2.62
CA LEU A 81 -23.76 -10.93 -1.54
C LEU A 81 -22.42 -11.61 -1.83
N VAL A 82 -21.51 -11.60 -0.87
CA VAL A 82 -20.24 -12.29 -1.00
C VAL A 82 -20.19 -13.43 0.01
N LYS A 83 -20.06 -14.67 -0.48
CA LYS A 83 -19.87 -15.83 0.38
C LYS A 83 -18.34 -15.99 0.46
N PHE A 84 -17.78 -15.97 1.66
CA PHE A 84 -16.35 -16.15 1.86
C PHE A 84 -16.07 -17.47 2.53
N TRP A 85 -14.98 -18.13 2.13
CA TRP A 85 -14.44 -19.34 2.73
C TRP A 85 -13.10 -18.86 3.23
N ALA A 86 -13.03 -18.53 4.52
CA ALA A 86 -11.86 -17.92 5.12
C ALA A 86 -10.72 -18.90 5.40
N ASP A 87 -9.49 -18.46 5.20
CA ASP A 87 -8.32 -19.30 5.47
C ASP A 87 -7.81 -18.93 6.88
N LEU A 88 -8.02 -19.83 7.84
CA LEU A 88 -7.55 -19.61 9.22
C LEU A 88 -6.28 -20.41 9.54
N ASN A 89 -5.60 -20.98 8.53
CA ASN A 89 -4.38 -21.75 8.73
C ASN A 89 -3.20 -20.78 8.89
N THR A 90 -3.05 -20.17 10.07
CA THR A 90 -1.98 -19.21 10.32
C THR A 90 -1.43 -19.32 11.73
N ASN A 91 -0.09 -19.34 11.83
CA ASN A 91 0.63 -19.41 13.11
C ASN A 91 0.50 -18.08 13.87
N SER A 97 3.93 -7.73 17.90
CA SER A 97 4.52 -7.71 16.55
C SER A 97 3.53 -8.15 15.47
N SER A 98 2.22 -8.20 15.77
CA SER A 98 1.20 -8.57 14.81
C SER A 98 0.37 -7.33 14.42
N PHE A 99 -0.26 -7.39 13.27
CA PHE A 99 -1.16 -6.35 12.80
C PHE A 99 -2.26 -7.02 12.03
N TYR A 100 -3.50 -6.83 12.44
CA TYR A 100 -4.64 -7.39 11.72
C TYR A 100 -5.30 -6.21 11.03
N GLY A 101 -5.42 -6.31 9.73
CA GLY A 101 -5.96 -5.21 8.94
C GLY A 101 -6.84 -5.65 7.80
N VAL A 102 -7.43 -4.65 7.15
CA VAL A 102 -8.25 -4.81 5.99
C VAL A 102 -7.84 -3.71 4.97
N SER A 103 -7.71 -4.10 3.71
CA SER A 103 -7.42 -3.18 2.64
C SER A 103 -8.43 -3.37 1.53
N SER A 104 -8.74 -2.28 0.84
CA SER A 104 -9.68 -2.31 -0.26
C SER A 104 -9.40 -1.17 -1.22
N GLN A 105 -9.74 -1.37 -2.47
CA GLN A 105 -9.52 -0.38 -3.51
C GLN A 105 -10.77 -0.26 -4.37
N TYR A 106 -11.16 0.98 -4.67
CA TYR A 106 -12.35 1.24 -5.48
C TYR A 106 -12.01 2.20 -6.59
N GLU A 107 -12.81 2.16 -7.67
CA GLU A 107 -12.66 3.08 -8.78
C GLU A 107 -14.01 3.67 -9.14
N SER A 108 -13.98 4.89 -9.66
CA SER A 108 -15.21 5.56 -10.05
C SER A 108 -14.90 6.54 -11.18
N PRO A 109 -15.82 6.76 -12.13
CA PRO A 109 -15.59 7.79 -13.14
C PRO A 109 -15.72 9.21 -12.54
N GLU A 110 -16.38 9.36 -11.37
CA GLU A 110 -16.63 10.66 -10.76
C GLU A 110 -15.76 10.91 -9.55
N ASN A 111 -15.44 12.21 -9.33
CA ASN A 111 -14.67 12.68 -8.19
C ASN A 111 -15.70 12.87 -7.07
N MET A 112 -15.59 12.07 -6.03
CA MET A 112 -16.53 12.13 -4.91
C MET A 112 -15.76 12.06 -3.58
N ILE A 113 -16.45 12.37 -2.48
CA ILE A 113 -15.99 12.14 -1.13
C ILE A 113 -16.90 10.98 -0.66
N ILE A 114 -16.34 9.79 -0.40
CA ILE A 114 -17.15 8.64 -0.03
C ILE A 114 -17.03 8.31 1.46
N THR A 115 -18.01 7.58 1.97
CA THR A 115 -17.99 7.09 3.34
C THR A 115 -18.17 5.57 3.24
N CYS A 116 -17.34 4.81 3.95
CA CYS A 116 -17.49 3.36 4.00
C CYS A 116 -17.84 2.98 5.42
N SER A 117 -19.03 2.40 5.58
CA SER A 117 -19.51 1.96 6.87
C SER A 117 -19.50 0.43 6.84
N THR A 118 -18.90 -0.19 7.85
CA THR A 118 -18.84 -1.63 7.95
C THR A 118 -19.48 -1.99 9.29
N LYS A 119 -20.50 -2.82 9.27
CA LYS A 119 -21.16 -3.26 10.49
C LYS A 119 -20.91 -4.73 10.67
N VAL A 120 -20.29 -5.09 11.81
CA VAL A 120 -20.08 -6.49 12.18
C VAL A 120 -21.32 -6.88 12.97
N CYS A 121 -21.98 -7.97 12.58
CA CYS A 121 -23.22 -8.38 13.19
C CYS A 121 -23.15 -9.80 13.73
N SER A 122 -23.87 -10.03 14.81
CA SER A 122 -23.96 -11.33 15.45
C SER A 122 -25.45 -11.57 15.68
N PHE A 123 -26.01 -12.64 15.11
CA PHE A 123 -27.44 -12.95 15.19
C PHE A 123 -28.30 -11.81 14.59
N GLY A 124 -27.80 -11.18 13.52
CA GLY A 124 -28.48 -10.10 12.81
C GLY A 124 -28.45 -8.74 13.50
N LYS A 125 -27.69 -8.62 14.59
CA LYS A 125 -27.61 -7.39 15.37
C LYS A 125 -26.20 -6.82 15.36
N GLN A 126 -26.07 -5.51 15.14
CA GLN A 126 -24.77 -4.85 15.09
C GLN A 126 -24.00 -4.98 16.41
N VAL A 127 -22.75 -5.37 16.33
CA VAL A 127 -21.82 -5.48 17.46
C VAL A 127 -20.85 -4.28 17.41
N VAL A 128 -20.35 -3.98 16.22
CA VAL A 128 -19.46 -2.85 16.01
C VAL A 128 -19.66 -2.26 14.63
N GLU A 129 -19.43 -0.94 14.51
CA GLU A 129 -19.50 -0.23 13.25
C GLU A 129 -18.24 0.57 13.08
N LYS A 130 -17.66 0.51 11.89
CA LYS A 130 -16.49 1.31 11.56
C LYS A 130 -16.92 2.21 10.41
N VAL A 131 -16.69 3.52 10.52
CA VAL A 131 -17.05 4.45 9.46
C VAL A 131 -15.80 5.21 9.10
N GLU A 132 -15.41 5.18 7.83
CA GLU A 132 -14.25 5.95 7.38
C GLU A 132 -14.60 6.74 6.14
N THR A 133 -14.03 7.95 6.04
CA THR A 133 -14.22 8.84 4.90
C THR A 133 -13.01 8.73 3.99
N GLU A 134 -13.25 8.60 2.66
CA GLU A 134 -12.18 8.49 1.70
C GLU A 134 -12.30 9.54 0.61
N TYR A 135 -11.16 10.08 0.21
CA TYR A 135 -11.11 11.09 -0.82
C TYR A 135 -10.51 10.49 -2.09
N ALA A 136 -10.84 11.09 -3.24
CA ALA A 136 -10.38 10.57 -4.52
C ALA A 136 -8.94 10.93 -4.89
N ARG A 137 -8.33 10.05 -5.68
CA ARG A 137 -7.05 10.31 -6.31
C ARG A 137 -7.30 10.12 -7.81
N TYR A 138 -6.91 11.11 -8.63
CA TYR A 138 -7.06 10.99 -10.08
C TYR A 138 -6.12 9.90 -10.58
N GLU A 139 -6.62 9.00 -11.43
CA GLU A 139 -5.85 7.87 -11.95
CA GLU A 139 -5.82 7.91 -11.98
C GLU A 139 -6.27 7.53 -13.39
N ASN A 140 -5.43 7.83 -14.38
CA ASN A 140 -5.67 7.51 -15.79
C ASN A 140 -7.13 7.70 -16.29
N GLY A 141 -7.65 8.91 -16.20
CA GLY A 141 -9.01 9.20 -16.66
C GLY A 141 -10.11 9.02 -15.62
N HIS A 142 -9.90 8.17 -14.59
CA HIS A 142 -10.93 7.97 -13.56
C HIS A 142 -10.41 8.35 -12.13
N TYR A 143 -11.13 7.97 -11.07
CA TYR A 143 -10.80 8.28 -9.69
C TYR A 143 -10.67 7.01 -8.85
N SER A 144 -9.62 6.90 -8.06
CA SER A 144 -9.42 5.75 -7.20
C SER A 144 -9.60 6.15 -5.74
N TYR A 145 -9.98 5.17 -4.94
CA TYR A 145 -10.24 5.30 -3.51
C TYR A 145 -9.57 4.13 -2.86
N ARG A 146 -8.87 4.37 -1.78
CA ARG A 146 -8.15 3.30 -1.11
C ARG A 146 -8.34 3.32 0.39
N ILE A 147 -8.62 2.15 0.96
CA ILE A 147 -8.62 1.95 2.40
C ILE A 147 -7.40 1.06 2.57
N HIS A 148 -6.33 1.61 3.14
CA HIS A 148 -5.07 0.88 3.27
C HIS A 148 -4.75 0.56 4.74
N ARG A 149 -4.66 -0.74 5.05
CA ARG A 149 -4.37 -1.25 6.38
C ARG A 149 -5.27 -0.67 7.48
N SER A 150 -6.59 -0.72 7.27
CA SER A 150 -7.54 -0.26 8.28
C SER A 150 -7.53 -1.32 9.38
N PRO A 151 -7.28 -0.94 10.64
CA PRO A 151 -7.18 -1.94 11.70
C PRO A 151 -8.46 -2.73 11.95
N LEU A 152 -8.31 -4.05 12.08
CA LEU A 152 -9.41 -4.94 12.45
C LEU A 152 -9.74 -4.68 13.90
N CYS A 153 -11.02 -4.52 14.24
CA CYS A 153 -11.40 -4.28 15.64
C CYS A 153 -11.03 -5.47 16.54
N GLU A 154 -10.86 -5.20 17.83
CA GLU A 154 -10.49 -6.21 18.81
C GLU A 154 -11.53 -7.31 18.89
N TYR A 155 -12.82 -7.00 18.67
CA TYR A 155 -13.89 -8.00 18.67
C TYR A 155 -13.58 -9.09 17.62
N MET A 156 -13.18 -8.66 16.40
CA MET A 156 -12.82 -9.53 15.30
C MET A 156 -11.60 -10.37 15.55
N ILE A 157 -10.53 -9.76 16.10
CA ILE A 157 -9.28 -10.44 16.43
C ILE A 157 -9.57 -11.52 17.47
N ASN A 158 -10.36 -11.18 18.52
CA ASN A 158 -10.74 -12.14 19.55
C ASN A 158 -11.60 -13.26 18.94
N PHE A 159 -12.53 -12.91 18.04
CA PHE A 159 -13.42 -13.86 17.36
C PHE A 159 -12.58 -14.86 16.54
N ILE A 160 -11.55 -14.39 15.86
CA ILE A 160 -10.66 -15.26 15.06
C ILE A 160 -9.92 -16.25 16.00
N HIS A 161 -9.45 -15.75 17.14
CA HIS A 161 -8.78 -16.59 18.14
C HIS A 161 -9.72 -17.65 18.72
N LYS A 162 -10.98 -17.29 18.98
CA LYS A 162 -11.96 -18.27 19.48
C LYS A 162 -12.26 -19.34 18.44
N LEU A 163 -12.45 -18.94 17.18
CA LEU A 163 -12.73 -19.88 16.09
C LEU A 163 -11.59 -20.88 15.92
N LYS A 164 -10.33 -20.43 16.07
CA LYS A 164 -9.19 -21.32 15.91
C LYS A 164 -9.08 -22.37 17.01
N HIS A 165 -9.64 -22.09 18.22
CA HIS A 165 -9.66 -23.07 19.32
C HIS A 165 -10.63 -24.25 19.08
N LEU A 166 -11.55 -24.13 18.09
CA LEU A 166 -12.49 -25.20 17.79
C LEU A 166 -11.76 -26.32 17.03
N PRO A 167 -11.91 -27.59 17.45
CA PRO A 167 -11.14 -28.67 16.83
C PRO A 167 -11.52 -29.04 15.40
N GLU A 168 -12.75 -28.74 14.98
CA GLU A 168 -13.19 -29.09 13.63
C GLU A 168 -13.80 -27.93 12.86
N LYS A 169 -13.56 -27.93 11.55
CA LYS A 169 -14.04 -26.86 10.67
C LYS A 169 -15.55 -26.78 10.61
N TYR A 170 -16.26 -27.91 10.79
CA TYR A 170 -17.72 -27.88 10.78
C TYR A 170 -18.27 -27.09 11.97
N MET A 171 -17.54 -27.11 13.11
CA MET A 171 -17.88 -26.37 14.33
C MET A 171 -17.69 -24.87 14.10
N MET A 172 -16.61 -24.49 13.41
CA MET A 172 -16.34 -23.10 13.07
C MET A 172 -17.45 -22.60 12.13
N ASN A 173 -17.88 -23.44 11.15
CA ASN A 173 -18.96 -23.13 10.21
C ASN A 173 -20.31 -22.93 10.91
N SER A 174 -20.57 -23.71 11.96
CA SER A 174 -21.83 -23.58 12.72
C SER A 174 -21.87 -22.27 13.47
N VAL A 175 -20.75 -21.87 14.07
CA VAL A 175 -20.62 -20.60 14.77
C VAL A 175 -20.71 -19.44 13.76
N LEU A 176 -20.04 -19.57 12.62
CA LEU A 176 -20.04 -18.54 11.59
C LEU A 176 -21.39 -18.32 10.93
N GLU A 177 -22.34 -19.26 11.08
CA GLU A 177 -23.67 -19.12 10.52
C GLU A 177 -24.46 -17.92 11.06
N ASN A 178 -24.08 -17.43 12.24
CA ASN A 178 -24.71 -16.26 12.87
C ASN A 178 -23.80 -15.02 12.86
N PHE A 179 -22.71 -15.04 12.09
CA PHE A 179 -21.79 -13.95 11.97
C PHE A 179 -21.89 -13.36 10.56
N THR A 180 -22.17 -12.06 10.45
CA THR A 180 -22.23 -11.41 9.13
C THR A 180 -21.58 -10.03 9.19
N ILE A 181 -21.22 -9.49 8.04
CA ILE A 181 -20.68 -8.15 7.94
C ILE A 181 -21.43 -7.42 6.83
N LEU A 182 -21.92 -6.21 7.09
CA LEU A 182 -22.57 -5.40 6.06
C LEU A 182 -21.70 -4.20 5.76
N GLN A 183 -21.32 -4.04 4.50
CA GLN A 183 -20.50 -2.91 4.06
C GLN A 183 -21.34 -2.00 3.18
N VAL A 184 -21.43 -0.70 3.54
CA VAL A 184 -22.20 0.27 2.76
C VAL A 184 -21.27 1.40 2.41
N VAL A 185 -21.09 1.66 1.11
CA VAL A 185 -20.26 2.77 0.65
C VAL A 185 -21.22 3.79 0.09
N THR A 186 -21.17 5.00 0.62
CA THR A 186 -22.08 6.06 0.23
C THR A 186 -21.33 7.29 -0.30
N ASN A 187 -21.98 8.07 -1.15
CA ASN A 187 -21.42 9.36 -1.58
C ASN A 187 -21.80 10.24 -0.36
N ARG A 188 -20.80 10.76 0.36
CA ARG A 188 -21.06 11.53 1.57
C ARG A 188 -22.01 12.70 1.37
N ASP A 189 -21.91 13.37 0.22
CA ASP A 189 -22.70 14.57 -0.05
C ASP A 189 -24.14 14.31 -0.48
N THR A 190 -24.38 13.36 -1.39
CA THR A 190 -25.74 13.09 -1.87
C THR A 190 -26.45 11.95 -1.13
N GLN A 191 -25.71 11.20 -0.31
CA GLN A 191 -26.19 10.04 0.42
C GLN A 191 -26.57 8.85 -0.50
N GLU A 192 -26.13 8.88 -1.75
CA GLU A 192 -26.40 7.80 -2.67
C GLU A 192 -25.60 6.56 -2.29
N THR A 193 -26.27 5.42 -2.29
CA THR A 193 -25.59 4.16 -2.02
C THR A 193 -24.83 3.82 -3.30
N LEU A 194 -23.50 3.77 -3.19
CA LEU A 194 -22.61 3.44 -4.30
C LEU A 194 -22.38 1.92 -4.36
N LEU A 195 -22.24 1.30 -3.19
CA LEU A 195 -22.03 -0.14 -3.11
C LEU A 195 -22.58 -0.62 -1.80
N CYS A 196 -23.18 -1.79 -1.81
CA CYS A 196 -23.64 -2.40 -0.58
C CYS A 196 -23.38 -3.87 -0.68
N ILE A 197 -22.51 -4.33 0.20
CA ILE A 197 -22.09 -5.71 0.15
C ILE A 197 -22.38 -6.42 1.45
N ALA A 198 -23.09 -7.53 1.36
CA ALA A 198 -23.42 -8.39 2.49
C ALA A 198 -22.39 -9.54 2.44
N TYR A 199 -21.72 -9.81 3.56
CA TYR A 199 -20.72 -10.87 3.62
C TYR A 199 -21.16 -11.97 4.60
N VAL A 200 -21.00 -13.20 4.17
CA VAL A 200 -21.28 -14.39 4.94
C VAL A 200 -20.04 -15.29 4.85
N PHE A 201 -19.87 -16.14 5.86
CA PHE A 201 -18.64 -16.85 6.08
C PHE A 201 -18.77 -18.31 6.43
N GLU A 202 -17.77 -19.03 5.96
CA GLU A 202 -17.45 -20.41 6.26
C GLU A 202 -15.91 -20.44 6.30
N VAL A 203 -15.35 -21.51 6.84
CA VAL A 203 -13.91 -21.70 6.87
C VAL A 203 -13.55 -22.57 5.66
N SER A 204 -12.50 -22.21 4.94
CA SER A 204 -12.07 -22.96 3.78
C SER A 204 -11.45 -24.32 4.18
N ALA A 205 -11.69 -25.34 3.38
CA ALA A 205 -11.08 -26.66 3.54
C ALA A 205 -10.23 -27.02 2.29
N SER A 206 -9.92 -26.04 1.43
CA SER A 206 -9.19 -26.20 0.16
C SER A 206 -7.71 -25.95 0.33
N GLU A 207 -6.85 -26.75 -0.34
CA GLU A 207 -5.39 -26.57 -0.37
C GLU A 207 -5.01 -25.19 -0.97
N HIS A 208 -5.86 -24.64 -1.86
CA HIS A 208 -5.68 -23.31 -2.44
C HIS A 208 -5.97 -22.15 -1.47
N GLY A 209 -6.44 -22.46 -0.26
CA GLY A 209 -6.72 -21.46 0.75
C GLY A 209 -8.08 -20.80 0.63
N ALA A 210 -8.15 -19.49 0.79
CA ALA A 210 -9.39 -18.76 0.77
C ALA A 210 -10.13 -18.80 -0.56
N GLN A 211 -11.46 -18.81 -0.50
CA GLN A 211 -12.33 -18.83 -1.66
C GLN A 211 -13.50 -17.84 -1.45
N HIS A 212 -14.17 -17.49 -2.54
CA HIS A 212 -15.31 -16.60 -2.51
C HIS A 212 -16.24 -16.83 -3.67
N HIS A 213 -17.51 -16.48 -3.49
CA HIS A 213 -18.53 -16.51 -4.52
C HIS A 213 -19.30 -15.21 -4.41
N ILE A 214 -19.49 -14.51 -5.52
CA ILE A 214 -20.18 -13.23 -5.53
C ILE A 214 -21.52 -13.37 -6.25
N TYR A 215 -22.54 -12.74 -5.70
CA TYR A 215 -23.87 -12.75 -6.29
C TYR A 215 -24.42 -11.35 -6.29
N ARG A 216 -25.38 -11.11 -7.19
CA ARG A 216 -26.13 -9.89 -7.20
C ARG A 216 -27.33 -10.12 -6.26
N LEU A 217 -27.75 -9.10 -5.52
CA LEU A 217 -28.91 -9.21 -4.65
C LEU A 217 -30.08 -8.60 -5.39
N VAL A 218 -31.17 -9.37 -5.57
CA VAL A 218 -32.34 -8.93 -6.34
C VAL A 218 -33.67 -9.10 -5.56
N LYS A 219 -34.76 -8.43 -6.04
CA LYS A 219 -36.14 -8.46 -5.53
C LYS A 219 -36.33 -7.91 -4.12
N ARG B 3 10.47 13.75 10.06
CA ARG B 3 10.35 14.88 9.15
C ARG B 3 11.70 15.31 8.57
N SER B 4 12.63 14.36 8.39
CA SER B 4 13.98 14.67 7.94
C SER B 4 14.04 15.11 6.45
N VAL B 5 13.71 14.21 5.50
CA VAL B 5 13.75 14.55 4.07
C VAL B 5 12.52 15.37 3.70
N ALA B 6 12.63 16.68 3.87
CA ALA B 6 11.54 17.59 3.62
C ALA B 6 12.00 18.94 3.20
N SER B 7 11.52 19.36 2.04
CA SER B 7 11.69 20.73 1.59
C SER B 7 10.49 21.52 2.20
N SER B 8 10.35 22.81 1.87
CA SER B 8 9.20 23.57 2.40
C SER B 8 7.85 23.17 1.72
N LYS B 9 7.90 22.40 0.61
CA LYS B 9 6.68 22.00 -0.09
C LYS B 9 6.40 20.51 -0.14
N LEU B 10 7.39 19.65 0.13
CA LEU B 10 7.18 18.21 0.02
C LEU B 10 8.07 17.48 0.99
N TRP B 11 7.50 16.51 1.67
CA TRP B 11 8.19 15.72 2.69
CA TRP B 11 8.18 15.73 2.69
C TRP B 11 8.06 14.26 2.32
N MET B 12 9.17 13.52 2.26
CA MET B 12 9.11 12.09 1.99
C MET B 12 8.98 11.41 3.38
N LEU B 13 7.79 10.90 3.73
CA LEU B 13 7.58 10.26 5.04
C LEU B 13 8.11 8.84 5.11
N GLU B 14 8.05 8.13 3.98
CA GLU B 14 8.40 6.72 3.99
C GLU B 14 9.01 6.34 2.64
N PHE B 15 9.93 5.38 2.69
CA PHE B 15 10.56 4.81 1.51
C PHE B 15 11.00 3.40 1.88
N SER B 16 10.82 2.43 0.99
CA SER B 16 11.38 1.11 1.19
C SER B 16 11.65 0.41 -0.14
N ALA B 17 12.66 -0.44 -0.19
CA ALA B 17 12.94 -1.27 -1.37
C ALA B 17 12.88 -2.69 -0.80
N PHE B 18 12.14 -3.58 -1.47
CA PHE B 18 11.88 -4.88 -0.89
C PHE B 18 11.84 -6.03 -1.88
N LEU B 19 11.83 -7.25 -1.34
CA LEU B 19 11.63 -8.48 -2.08
C LEU B 19 10.47 -9.18 -1.35
N GLU B 20 9.38 -9.38 -2.04
CA GLU B 20 8.23 -10.10 -1.51
C GLU B 20 8.17 -11.45 -2.25
N GLN B 21 7.94 -12.53 -1.53
CA GLN B 21 7.84 -13.85 -2.10
C GLN B 21 6.52 -14.50 -1.73
N GLN B 22 5.81 -15.02 -2.73
CA GLN B 22 4.53 -15.69 -2.55
C GLN B 22 4.78 -17.17 -2.26
N GLN B 23 4.58 -17.60 -1.02
CA GLN B 23 4.74 -19.00 -0.63
C GLN B 23 3.53 -19.79 -1.17
N ASP B 24 2.32 -19.24 -1.00
CA ASP B 24 1.07 -19.80 -1.52
C ASP B 24 0.05 -18.65 -1.76
N PRO B 25 -1.16 -18.89 -2.31
CA PRO B 25 -2.07 -17.75 -2.57
C PRO B 25 -2.36 -16.87 -1.37
N ASP B 26 -2.27 -17.43 -0.15
CA ASP B 26 -2.56 -16.65 1.06
C ASP B 26 -1.34 -16.35 1.91
N THR B 27 -0.13 -16.71 1.49
CA THR B 27 1.06 -16.51 2.32
C THR B 27 2.16 -15.79 1.60
N TYR B 28 2.65 -14.68 2.17
CA TYR B 28 3.72 -13.91 1.57
C TYR B 28 4.79 -13.63 2.61
N ASN B 29 6.03 -13.60 2.17
CA ASN B 29 7.15 -13.22 3.02
C ASN B 29 7.77 -11.99 2.38
N LYS B 30 8.14 -11.00 3.18
CA LYS B 30 8.72 -9.78 2.67
C LYS B 30 10.00 -9.43 3.37
N HIS B 31 11.04 -9.11 2.60
CA HIS B 31 12.34 -8.70 3.08
C HIS B 31 12.58 -7.25 2.68
N LEU B 32 13.01 -6.39 3.61
CA LEU B 32 13.34 -5.01 3.29
C LEU B 32 14.84 -4.85 3.09
N PHE B 33 15.26 -4.38 1.91
CA PHE B 33 16.67 -4.14 1.62
C PHE B 33 17.07 -2.83 2.31
N VAL B 34 16.27 -1.78 2.15
CA VAL B 34 16.48 -0.46 2.77
C VAL B 34 15.11 0.12 3.14
N HIS B 35 15.08 1.00 4.14
CA HIS B 35 13.85 1.61 4.59
C HIS B 35 14.09 2.89 5.39
N ILE B 36 13.17 3.83 5.23
CA ILE B 36 13.11 5.10 5.95
C ILE B 36 11.64 5.26 6.39
N GLY B 37 11.44 5.64 7.65
CA GLY B 37 10.12 5.93 8.19
C GLY B 37 9.25 4.76 8.57
N GLN B 38 9.82 3.54 8.75
CA GLN B 38 9.00 2.39 9.15
C GLN B 38 8.62 2.41 10.64
N ASP B 45 14.98 16.61 18.68
CA ASP B 45 15.53 17.57 17.74
C ASP B 45 15.74 16.90 16.39
N PRO B 46 15.03 17.37 15.35
CA PRO B 46 15.18 16.74 14.03
C PRO B 46 16.37 17.27 13.23
N TYR B 47 17.36 17.86 13.88
CA TYR B 47 18.55 18.42 13.23
C TYR B 47 19.31 17.42 12.35
N LEU B 48 19.67 17.83 11.11
CA LEU B 48 20.47 16.99 10.23
C LEU B 48 21.82 17.67 9.97
N GLU B 49 22.91 16.88 9.96
CA GLU B 49 24.23 17.41 9.63
C GLU B 49 24.25 17.77 8.14
N ALA B 50 25.19 18.61 7.74
CA ALA B 50 25.33 19.03 6.36
C ALA B 50 26.54 18.37 5.74
N VAL B 51 26.46 18.14 4.44
CA VAL B 51 27.52 17.59 3.64
C VAL B 51 27.71 18.57 2.48
N ASP B 52 28.97 18.96 2.18
CA ASP B 52 29.26 19.82 1.04
C ASP B 52 28.99 19.01 -0.21
N ILE B 53 28.11 19.48 -1.07
CA ILE B 53 27.71 18.73 -2.25
C ILE B 53 28.89 18.49 -3.23
N ARG B 54 29.92 19.34 -3.19
CA ARG B 54 31.09 19.16 -4.06
C ARG B 54 31.87 17.86 -3.72
N GLN B 55 31.66 17.28 -2.52
CA GLN B 55 32.24 15.99 -2.11
C GLN B 55 31.67 14.82 -2.90
N ILE B 56 30.47 14.95 -3.45
CA ILE B 56 29.79 13.83 -4.13
C ILE B 56 29.53 14.03 -5.60
N TYR B 57 29.76 15.23 -6.14
CA TYR B 57 29.52 15.56 -7.56
C TYR B 57 30.01 14.53 -8.59
N ASP B 58 31.23 13.96 -8.43
CA ASP B 58 31.73 13.01 -9.44
C ASP B 58 31.09 11.61 -9.37
N LYS B 59 30.21 11.36 -8.38
CA LYS B 59 29.52 10.07 -8.29
C LYS B 59 28.06 10.15 -8.85
N PHE B 60 27.68 11.31 -9.41
CA PHE B 60 26.36 11.56 -9.96
C PHE B 60 26.50 12.20 -11.35
N PRO B 61 25.46 12.09 -12.23
CA PRO B 61 25.55 12.71 -13.57
C PRO B 61 25.79 14.20 -13.47
N GLU B 62 26.69 14.75 -14.30
CA GLU B 62 27.04 16.17 -14.16
C GLU B 62 27.01 17.03 -15.44
N LYS B 63 26.19 16.68 -16.42
CA LYS B 63 26.06 17.56 -17.61
C LYS B 63 24.85 18.52 -17.35
N LYS B 64 24.17 19.04 -18.42
CA LYS B 64 22.97 19.85 -18.23
C LYS B 64 21.91 18.95 -17.59
N GLY B 65 21.29 19.43 -16.52
CA GLY B 65 20.30 18.63 -15.81
C GLY B 65 20.87 17.67 -14.79
N GLY B 66 22.20 17.67 -14.62
CA GLY B 66 22.84 16.83 -13.62
C GLY B 66 22.72 17.43 -12.21
N LEU B 67 23.27 16.75 -11.20
CA LEU B 67 23.21 17.17 -9.80
C LEU B 67 23.66 18.62 -9.56
N LYS B 68 24.80 19.06 -10.08
CA LYS B 68 25.28 20.44 -9.89
C LYS B 68 24.30 21.44 -10.49
N ASP B 69 23.83 21.20 -11.72
CA ASP B 69 22.87 22.09 -12.37
C ASP B 69 21.58 22.16 -11.55
N LEU B 70 21.10 21.01 -11.08
CA LEU B 70 19.92 20.93 -10.23
C LEU B 70 20.11 21.72 -8.94
N PHE B 71 21.22 21.48 -8.23
CA PHE B 71 21.53 22.16 -6.96
C PHE B 71 21.61 23.68 -7.12
N GLU B 72 22.28 24.15 -8.18
CA GLU B 72 22.43 25.58 -8.47
C GLU B 72 21.12 26.25 -8.84
N ARG B 73 20.23 25.55 -9.56
CA ARG B 73 18.91 26.09 -9.84
C ARG B 73 18.09 26.16 -8.51
N GLY B 74 18.31 25.22 -7.60
CA GLY B 74 17.68 25.20 -6.31
C GLY B 74 16.20 24.84 -6.31
N PRO B 75 15.46 25.09 -5.20
CA PRO B 75 15.92 25.63 -3.90
C PRO B 75 16.90 24.65 -3.23
N SER B 76 18.08 25.11 -2.77
CA SER B 76 19.08 24.24 -2.17
C SER B 76 18.61 23.52 -0.91
N ASN B 77 17.61 24.05 -0.21
CA ASN B 77 17.09 23.36 0.99
C ASN B 77 16.20 22.15 0.69
N ALA B 78 16.02 21.81 -0.60
CA ALA B 78 15.27 20.62 -1.03
C ALA B 78 16.27 19.43 -1.29
N PHE B 79 17.59 19.63 -1.07
CA PHE B 79 18.65 18.68 -1.41
C PHE B 79 19.20 17.92 -0.21
N PHE B 80 19.20 16.58 -0.35
CA PHE B 80 19.59 15.71 0.74
C PHE B 80 20.46 14.56 0.25
N LEU B 81 21.33 14.07 1.14
CA LEU B 81 22.14 12.90 0.87
C LEU B 81 21.67 11.82 1.87
N VAL B 82 21.29 10.66 1.36
CA VAL B 82 20.97 9.52 2.21
C VAL B 82 22.05 8.46 2.05
N LYS B 83 22.70 8.06 3.17
CA LYS B 83 23.65 6.96 3.20
C LYS B 83 22.81 5.75 3.64
N PHE B 84 22.81 4.68 2.86
CA PHE B 84 22.09 3.46 3.20
C PHE B 84 23.07 2.34 3.49
N TRP B 85 22.73 1.49 4.50
CA TRP B 85 23.46 0.26 4.80
C TRP B 85 22.39 -0.77 4.51
N ALA B 86 22.49 -1.42 3.33
CA ALA B 86 21.49 -2.33 2.83
C ALA B 86 21.54 -3.71 3.48
N ASP B 87 20.37 -4.30 3.71
CA ASP B 87 20.29 -5.64 4.28
C ASP B 87 20.11 -6.64 3.13
N LEU B 88 21.17 -7.39 2.78
CA LEU B 88 21.09 -8.40 1.72
C LEU B 88 20.91 -9.83 2.25
N ASN B 89 20.65 -9.99 3.57
CA ASN B 89 20.45 -11.30 4.17
CA ASN B 89 20.46 -11.30 4.18
C ASN B 89 19.05 -11.83 3.88
N THR B 90 18.84 -12.34 2.67
CA THR B 90 17.54 -12.85 2.28
C THR B 90 17.65 -14.08 1.40
N ASN B 91 16.87 -15.12 1.73
CA ASN B 91 16.88 -16.37 0.98
C ASN B 91 16.13 -16.18 -0.34
N SER B 97 7.77 -16.54 -8.36
CA SER B 97 6.97 -16.16 -7.19
C SER B 97 7.60 -15.01 -6.38
N SER B 98 8.56 -14.29 -6.97
CA SER B 98 9.22 -13.15 -6.35
C SER B 98 8.75 -11.84 -6.97
N PHE B 99 8.84 -10.76 -6.20
CA PHE B 99 8.51 -9.44 -6.67
C PHE B 99 9.46 -8.52 -5.97
N TYR B 100 10.28 -7.83 -6.73
CA TYR B 100 11.22 -6.85 -6.20
C TYR B 100 10.57 -5.50 -6.51
N GLY B 101 10.33 -4.71 -5.48
CA GLY B 101 9.72 -3.42 -5.66
C GLY B 101 10.19 -2.32 -4.75
N VAL B 102 9.64 -1.14 -4.97
CA VAL B 102 9.93 0.07 -4.20
C VAL B 102 8.60 0.76 -3.85
N SER B 103 8.50 1.27 -2.64
CA SER B 103 7.36 2.02 -2.19
C SER B 103 7.82 3.31 -1.55
N SER B 104 7.06 4.38 -1.72
CA SER B 104 7.38 5.67 -1.11
C SER B 104 6.12 6.49 -0.90
N GLN B 105 6.15 7.36 0.10
CA GLN B 105 5.02 8.18 0.44
C GLN B 105 5.52 9.60 0.69
N TYR B 106 4.81 10.57 0.14
CA TYR B 106 5.14 11.99 0.32
C TYR B 106 3.92 12.75 0.78
N GLU B 107 4.15 13.88 1.44
CA GLU B 107 3.01 14.72 1.78
C GLU B 107 3.37 16.18 1.54
N SER B 108 2.33 16.94 1.28
CA SER B 108 2.48 18.35 1.01
CA SER B 108 2.48 18.35 1.01
C SER B 108 1.25 19.08 1.49
N PRO B 109 1.39 20.35 1.87
CA PRO B 109 0.18 21.12 2.21
C PRO B 109 -0.60 21.48 0.94
N GLU B 110 0.02 21.46 -0.25
CA GLU B 110 -0.60 21.86 -1.50
C GLU B 110 -0.96 20.68 -2.39
N ASN B 111 -2.02 20.87 -3.17
CA ASN B 111 -2.51 19.92 -4.13
C ASN B 111 -1.68 20.17 -5.39
N MET B 112 -0.85 19.21 -5.78
CA MET B 112 0.00 19.33 -6.95
C MET B 112 -0.02 18.04 -7.78
N ILE B 113 0.60 18.09 -8.94
CA ILE B 113 0.88 16.93 -9.74
C ILE B 113 2.37 16.88 -9.72
N ILE B 114 2.90 15.77 -9.24
CA ILE B 114 4.35 15.65 -9.14
C ILE B 114 4.92 14.60 -10.11
N THR B 115 6.20 14.70 -10.40
CA THR B 115 6.90 13.73 -11.22
C THR B 115 8.10 13.28 -10.41
N CYS B 116 8.33 11.98 -10.31
CA CYS B 116 9.50 11.46 -9.62
CA CYS B 116 9.46 11.44 -9.60
C CYS B 116 10.39 10.79 -10.63
N SER B 117 11.60 11.30 -10.79
CA SER B 117 12.58 10.75 -11.70
C SER B 117 13.67 10.10 -10.83
N THR B 118 14.01 8.84 -11.12
CA THR B 118 15.00 8.11 -10.36
C THR B 118 16.04 7.64 -11.36
N LYS B 119 17.29 8.03 -11.16
CA LYS B 119 18.37 7.64 -12.05
C LYS B 119 19.31 6.73 -11.30
N VAL B 120 19.51 5.51 -11.82
CA VAL B 120 20.47 4.56 -11.28
C VAL B 120 21.77 4.84 -12.01
N CYS B 121 22.86 5.05 -11.29
CA CYS B 121 24.14 5.44 -11.86
C CYS B 121 25.25 4.50 -11.46
N SER B 122 26.20 4.32 -12.37
CA SER B 122 27.37 3.47 -12.15
C SER B 122 28.54 4.30 -12.61
N PHE B 123 29.51 4.58 -11.71
CA PHE B 123 30.67 5.41 -12.00
C PHE B 123 30.27 6.82 -12.41
N GLY B 124 29.19 7.33 -11.79
CA GLY B 124 28.69 8.67 -12.03
C GLY B 124 27.89 8.85 -13.31
N LYS B 125 27.60 7.75 -14.01
CA LYS B 125 26.89 7.80 -15.29
C LYS B 125 25.58 7.06 -15.22
N GLN B 126 24.49 7.65 -15.75
CA GLN B 126 23.17 7.02 -15.73
C GLN B 126 23.14 5.70 -16.48
N VAL B 127 22.59 4.68 -15.86
CA VAL B 127 22.39 3.35 -16.46
C VAL B 127 20.91 3.20 -16.82
N VAL B 128 20.02 3.61 -15.92
CA VAL B 128 18.59 3.56 -16.15
C VAL B 128 17.90 4.73 -15.45
N GLU B 129 16.76 5.18 -16.03
CA GLU B 129 15.92 6.21 -15.44
C GLU B 129 14.48 5.74 -15.40
N LYS B 130 13.83 5.96 -14.27
CA LYS B 130 12.42 5.64 -14.08
C LYS B 130 11.73 6.98 -13.83
N VAL B 131 10.67 7.31 -14.58
CA VAL B 131 9.93 8.54 -14.36
C VAL B 131 8.49 8.17 -14.13
N GLU B 132 7.90 8.56 -13.01
CA GLU B 132 6.50 8.30 -12.72
C GLU B 132 5.81 9.58 -12.26
N THR B 133 4.59 9.81 -12.67
CA THR B 133 3.83 10.99 -12.34
C THR B 133 2.78 10.57 -11.31
N GLU B 134 2.62 11.37 -10.27
CA GLU B 134 1.71 11.08 -9.19
C GLU B 134 0.75 12.21 -8.92
N TYR B 135 -0.49 11.85 -8.64
CA TYR B 135 -1.53 12.81 -8.32
C TYR B 135 -1.83 12.77 -6.81
N ALA B 136 -2.34 13.86 -6.27
CA ALA B 136 -2.62 13.95 -4.85
C ALA B 136 -3.90 13.27 -4.40
N ARG B 137 -3.88 12.79 -3.16
CA ARG B 137 -5.06 12.32 -2.47
C ARG B 137 -5.09 13.12 -1.16
N TYR B 138 -6.17 13.84 -0.87
CA TYR B 138 -6.29 14.54 0.40
C TYR B 138 -6.44 13.48 1.49
N GLU B 139 -5.71 13.64 2.58
CA GLU B 139 -5.73 12.69 3.68
C GLU B 139 -5.34 13.40 4.94
N ASN B 140 -6.18 13.30 5.98
CA ASN B 140 -5.88 13.83 7.30
C ASN B 140 -5.16 15.19 7.35
N GLY B 141 -5.75 16.21 6.74
CA GLY B 141 -5.21 17.56 6.75
C GLY B 141 -4.15 17.92 5.73
N HIS B 142 -3.66 16.98 4.93
CA HIS B 142 -2.62 17.29 3.92
C HIS B 142 -2.92 16.57 2.59
N TYR B 143 -2.04 16.72 1.58
CA TYR B 143 -2.12 15.97 0.33
C TYR B 143 -1.05 14.92 0.36
N SER B 144 -1.42 13.74 -0.04
CA SER B 144 -0.60 12.57 0.01
C SER B 144 -0.30 12.04 -1.38
N TYR B 145 0.92 11.55 -1.56
CA TYR B 145 1.38 11.04 -2.84
C TYR B 145 2.00 9.72 -2.54
N ARG B 146 1.52 8.65 -3.18
CA ARG B 146 2.02 7.32 -2.89
C ARG B 146 2.51 6.57 -4.13
N ILE B 147 3.76 6.09 -4.12
CA ILE B 147 4.29 5.22 -5.18
C ILE B 147 4.20 3.87 -4.48
N HIS B 148 3.27 3.02 -4.90
CA HIS B 148 3.08 1.73 -4.25
C HIS B 148 3.48 0.53 -5.14
N ARG B 149 4.45 -0.24 -4.67
CA ARG B 149 5.00 -1.41 -5.36
C ARG B 149 5.44 -1.11 -6.79
N SER B 150 6.25 -0.07 -6.99
CA SER B 150 6.81 0.24 -8.30
C SER B 150 7.89 -0.82 -8.54
N PRO B 151 7.83 -1.53 -9.68
CA PRO B 151 8.80 -2.61 -9.90
C PRO B 151 10.23 -2.14 -10.01
N LEU B 152 11.12 -2.87 -9.34
CA LEU B 152 12.57 -2.64 -9.43
C LEU B 152 13.00 -3.09 -10.82
N CYS B 153 13.79 -2.27 -11.53
CA CYS B 153 14.26 -2.63 -12.87
C CYS B 153 15.12 -3.89 -12.84
N GLU B 154 15.17 -4.59 -13.95
CA GLU B 154 15.97 -5.81 -14.11
C GLU B 154 17.42 -5.58 -13.83
N TYR B 155 17.96 -4.38 -14.17
CA TYR B 155 19.36 -4.05 -13.90
C TYR B 155 19.64 -4.16 -12.37
N MET B 156 18.74 -3.60 -11.55
CA MET B 156 18.82 -3.64 -10.09
C MET B 156 18.70 -5.04 -9.50
N ILE B 157 17.76 -5.84 -10.00
CA ILE B 157 17.56 -7.24 -9.57
C ILE B 157 18.81 -8.03 -9.87
N ASN B 158 19.38 -7.86 -11.08
CA ASN B 158 20.61 -8.55 -11.47
CA ASN B 158 20.60 -8.54 -11.47
C ASN B 158 21.77 -8.08 -10.59
N PHE B 159 21.85 -6.75 -10.32
CA PHE B 159 22.88 -6.16 -9.46
C PHE B 159 22.83 -6.74 -8.04
N ILE B 160 21.64 -6.93 -7.49
CA ILE B 160 21.46 -7.51 -6.16
C ILE B 160 21.97 -8.98 -6.15
N HIS B 161 21.65 -9.73 -7.23
CA HIS B 161 22.09 -11.11 -7.36
C HIS B 161 23.61 -11.19 -7.49
N LYS B 162 24.25 -10.25 -8.22
CA LYS B 162 25.70 -10.25 -8.35
C LYS B 162 26.35 -9.96 -7.02
N LEU B 163 25.85 -8.97 -6.28
CA LEU B 163 26.39 -8.60 -4.97
C LEU B 163 26.32 -9.77 -4.00
N LYS B 164 25.22 -10.55 -4.02
CA LYS B 164 25.08 -11.67 -3.09
C LYS B 164 26.05 -12.81 -3.40
N HIS B 165 26.52 -12.95 -4.66
CA HIS B 165 27.51 -13.98 -5.02
C HIS B 165 28.92 -13.67 -4.50
N LEU B 166 29.17 -12.42 -4.03
CA LEU B 166 30.48 -12.06 -3.49
C LEU B 166 30.63 -12.68 -2.11
N PRO B 167 31.77 -13.33 -1.84
CA PRO B 167 31.93 -14.02 -0.55
C PRO B 167 32.10 -13.12 0.67
N GLU B 168 32.49 -11.85 0.49
CA GLU B 168 32.71 -10.96 1.64
C GLU B 168 31.95 -9.65 1.54
N LYS B 169 31.52 -9.08 2.69
CA LYS B 169 30.81 -7.80 2.71
C LYS B 169 31.70 -6.64 2.30
N TYR B 170 33.02 -6.73 2.55
CA TYR B 170 33.95 -5.68 2.13
C TYR B 170 34.04 -5.59 0.60
N MET B 171 33.86 -6.72 -0.10
CA MET B 171 33.87 -6.80 -1.56
C MET B 171 32.59 -6.17 -2.11
N MET B 172 31.45 -6.39 -1.45
CA MET B 172 30.18 -5.78 -1.84
C MET B 172 30.29 -4.26 -1.67
N ASN B 173 30.93 -3.80 -0.56
CA ASN B 173 31.14 -2.38 -0.26
C ASN B 173 32.03 -1.71 -1.30
N SER B 174 33.05 -2.42 -1.80
CA SER B 174 33.97 -1.91 -2.80
CA SER B 174 33.95 -1.88 -2.80
C SER B 174 33.22 -1.68 -4.13
N VAL B 175 32.36 -2.62 -4.50
CA VAL B 175 31.55 -2.54 -5.71
C VAL B 175 30.50 -1.41 -5.54
N LEU B 176 29.89 -1.34 -4.38
CA LEU B 176 28.86 -0.32 -4.10
C LEU B 176 29.40 1.10 -4.06
N GLU B 177 30.72 1.28 -3.91
CA GLU B 177 31.36 2.60 -3.85
C GLU B 177 31.13 3.42 -5.13
N ASN B 178 30.86 2.73 -6.26
CA ASN B 178 30.60 3.37 -7.54
C ASN B 178 29.16 3.25 -8.00
N PHE B 179 28.25 2.87 -7.10
CA PHE B 179 26.84 2.73 -7.40
C PHE B 179 26.08 3.81 -6.65
N THR B 180 25.28 4.62 -7.37
CA THR B 180 24.51 5.67 -6.71
C THR B 180 23.13 5.77 -7.36
N ILE B 181 22.18 6.39 -6.67
CA ILE B 181 20.86 6.63 -7.21
C ILE B 181 20.52 8.09 -6.93
N LEU B 182 20.04 8.81 -7.95
CA LEU B 182 19.62 10.18 -7.80
C LEU B 182 18.10 10.26 -7.99
N GLN B 183 17.38 10.77 -7.01
CA GLN B 183 15.94 10.92 -7.08
C GLN B 183 15.58 12.40 -7.14
N VAL B 184 14.82 12.83 -8.16
CA VAL B 184 14.40 14.22 -8.29
C VAL B 184 12.89 14.27 -8.42
N VAL B 185 12.24 14.98 -7.52
CA VAL B 185 10.79 15.09 -7.53
C VAL B 185 10.49 16.53 -7.93
N THR B 186 9.71 16.68 -9.00
CA THR B 186 9.40 17.99 -9.52
C THR B 186 7.88 18.25 -9.50
N ASN B 187 7.50 19.52 -9.47
CA ASN B 187 6.13 19.93 -9.62
C ASN B 187 5.92 19.91 -11.14
N ARG B 188 5.05 19.03 -11.68
CA ARG B 188 4.85 18.93 -13.13
C ARG B 188 4.32 20.23 -13.77
N ASP B 189 3.45 20.96 -13.06
CA ASP B 189 2.86 22.21 -13.56
C ASP B 189 3.84 23.39 -13.68
N THR B 190 4.79 23.53 -12.75
CA THR B 190 5.76 24.63 -12.79
C THR B 190 7.19 24.18 -13.13
N GLN B 191 7.48 22.86 -13.06
CA GLN B 191 8.78 22.23 -13.25
C GLN B 191 9.79 22.60 -12.14
N GLU B 192 9.33 23.11 -10.97
CA GLU B 192 10.20 23.44 -9.83
C GLU B 192 10.67 22.14 -9.14
N THR B 193 11.91 22.13 -8.58
CA THR B 193 12.39 20.96 -7.84
C THR B 193 11.75 21.02 -6.47
N LEU B 194 11.01 19.99 -6.08
CA LEU B 194 10.37 19.90 -4.76
C LEU B 194 11.29 19.17 -3.80
N LEU B 195 11.99 18.09 -4.27
CA LEU B 195 12.90 17.28 -3.45
C LEU B 195 13.96 16.69 -4.34
N CYS B 196 15.17 16.58 -3.83
CA CYS B 196 16.23 15.91 -4.56
C CYS B 196 17.06 15.17 -3.58
N ILE B 197 17.10 13.86 -3.78
CA ILE B 197 17.81 12.98 -2.87
C ILE B 197 18.87 12.18 -3.57
N ALA B 198 20.11 12.26 -3.08
CA ALA B 198 21.24 11.50 -3.58
C ALA B 198 21.40 10.30 -2.62
N TYR B 199 21.48 9.09 -3.14
CA TYR B 199 21.62 7.89 -2.31
C TYR B 199 22.94 7.20 -2.58
N VAL B 200 23.61 6.84 -1.49
CA VAL B 200 24.88 6.10 -1.51
C VAL B 200 24.72 4.85 -0.62
N PHE B 201 25.49 3.80 -0.91
CA PHE B 201 25.29 2.50 -0.33
C PHE B 201 26.51 1.79 0.18
N GLU B 202 26.26 1.01 1.22
CA GLU B 202 27.14 0.00 1.81
C GLU B 202 26.21 -1.13 2.22
N VAL B 203 26.76 -2.31 2.52
CA VAL B 203 25.98 -3.44 3.01
C VAL B 203 26.05 -3.39 4.54
N SER B 204 24.92 -3.61 5.18
CA SER B 204 24.85 -3.59 6.63
C SER B 204 25.54 -4.80 7.24
N ALA B 205 26.20 -4.59 8.37
CA ALA B 205 26.81 -5.65 9.17
C ALA B 205 26.19 -5.71 10.58
N SER B 206 25.05 -5.00 10.80
CA SER B 206 24.34 -4.89 12.08
C SER B 206 23.29 -5.97 12.21
N GLY B 209 19.81 -5.11 11.06
CA GLY B 209 19.56 -5.11 9.63
C GLY B 209 19.87 -3.77 8.97
N ALA B 210 19.00 -3.33 8.07
CA ALA B 210 19.20 -2.10 7.29
C ALA B 210 19.24 -0.84 8.12
N GLN B 211 20.20 0.05 7.81
CA GLN B 211 20.36 1.33 8.50
C GLN B 211 20.45 2.49 7.48
N HIS B 212 20.39 3.73 7.97
CA HIS B 212 20.49 4.89 7.12
C HIS B 212 20.96 6.11 7.93
N HIS B 213 21.44 7.14 7.21
CA HIS B 213 21.81 8.42 7.79
C HIS B 213 21.51 9.48 6.74
N ILE B 214 20.81 10.52 7.15
CA ILE B 214 20.36 11.57 6.28
C ILE B 214 21.12 12.86 6.56
N TYR B 215 21.50 13.56 5.49
CA TYR B 215 22.21 14.81 5.60
C TYR B 215 21.59 15.82 4.66
N ARG B 216 21.79 17.09 4.97
CA ARG B 216 21.43 18.19 4.09
C ARG B 216 22.61 18.37 3.15
N LEU B 217 22.36 18.71 1.89
CA LEU B 217 23.42 19.00 0.93
C LEU B 217 23.54 20.51 0.85
N VAL B 218 24.76 21.02 1.08
CA VAL B 218 25.03 22.47 1.11
C VAL B 218 26.27 22.77 0.25
N LYS B 219 26.57 24.07 0.01
CA LYS B 219 27.82 24.42 -0.68
C LYS B 219 28.46 25.52 0.16
N GLU B 220 29.57 25.16 0.86
CA GLU B 220 30.42 25.98 1.74
C GLU B 220 30.11 25.73 3.21
C1 U3F C . -26.30 -16.21 5.71
C2 U3F C . -25.44 -16.19 6.81
C3 U3F C . -24.51 -17.20 7.02
C11 U3F C . -24.09 -21.54 5.38
C12 U3F C . -21.49 -19.07 4.31
C13 U3F C . -20.38 -18.96 3.46
C14 U3F C . -20.21 -19.88 2.42
C15 U3F C . -21.19 -20.85 2.20
C16 U3F C . -22.32 -20.90 3.03
C17 U3F C . -27.24 -17.42 3.69
C19 U3F C . -26.77 -17.40 2.37
C20 U3F C . -27.66 -17.55 1.31
C21 U3F C . -29.02 -17.74 1.51
C22 U3F C . -29.49 -17.82 2.82
C23 U3F C . -28.61 -17.67 3.90
C24 U3F C . -29.18 -17.77 5.29
C29 U3F C . -27.72 -17.96 -1.13
C4 U3F C . -24.45 -18.23 6.10
C5 U3F C . -25.33 -18.29 5.04
C6 U3F C . -26.28 -17.30 4.81
O7 U3F C . -23.58 -19.30 6.24
C8 U3F C . -23.77 -20.07 5.00
C9 U3F C . -25.02 -19.53 4.23
C10 U3F C . -22.50 -20.00 4.10
CL18 U3F C . -27.36 -14.85 5.45
F25 U3F C . -25.46 -17.25 2.13
O26 U3F C . -28.69 -18.60 6.05
N27 U3F C . -30.22 -16.99 5.66
O28 U3F C . -27.08 -17.51 0.06
F30 U3F C . -28.57 -16.98 -1.51
F31 U3F C . -25.52 -15.17 7.64
F32 U3F C . -26.72 -18.08 -2.02
N33 U3F C . -23.07 -22.14 6.27
C34 U3F C . -23.65 -23.18 7.15
C35 U3F C . -22.60 -23.68 8.16
C36 U3F C . -23.33 -24.57 9.17
C37 U3F C . -23.78 -25.83 8.41
C38 U3F C . -24.78 -25.44 7.30
C39 U3F C . -24.16 -24.39 6.34
O40 U3F C . -24.38 -26.72 9.38
C2 U3O D . -13.19 -14.03 9.46
C3 U3O D . -14.24 -13.21 9.03
C4 U3O D . -13.99 -11.93 8.52
C5 U3O D . -12.67 -11.50 8.41
C6 U3O D . -11.64 -12.32 8.86
C7 U3O D . -13.47 -15.41 10.07
C13 U3O D . -13.21 -9.49 7.13
C14 U3O D . -13.34 -8.14 7.48
C17 U3O D . -14.80 -9.20 5.30
C18 U3O D . -13.91 -9.99 6.02
C20 U3O D . -13.50 -5.44 8.69
C21 U3O D . -14.35 -6.01 9.85
C22 U3O D . -13.17 -3.99 8.96
C1 U3O D . -11.89 -13.58 9.38
F8 U3O D . -14.40 -15.31 11.04
F9 U3O D . -13.93 -16.23 9.11
F10 U3O D . -12.35 -15.93 10.60
CL11 U3O D . -10.01 -11.74 8.84
O12 U3O D . -12.32 -10.25 7.90
C15 U3O D . -14.21 -7.35 6.76
C16 U3O D . -14.93 -7.85 5.68
S19 U3O D . -14.42 -5.64 7.11
O23 U3O D . -12.82 -3.67 10.09
O24 U3O D . -13.32 -3.10 7.98
CL25 U3O D . -15.93 -6.73 4.78
C1 U3F E . 29.67 8.51 -2.38
C2 U3F E . 29.45 7.30 -3.06
C3 U3F E . 29.60 6.08 -2.38
C11 U3F E . 31.97 4.81 1.40
C12 U3F E . 28.24 4.73 1.51
C13 U3F E . 27.20 4.39 2.40
C14 U3F E . 27.42 4.42 3.78
C15 U3F E . 28.67 4.82 4.25
C16 U3F E . 29.69 5.15 3.37
C17 U3F E . 30.57 9.82 -0.40
C19 U3F E . 29.86 10.25 0.72
C20 U3F E . 30.21 11.43 1.38
C21 U3F E . 31.31 12.18 0.97
C22 U3F E . 32.03 11.73 -0.13
C23 U3F E . 31.71 10.56 -0.81
C24 U3F E . 32.53 10.15 -2.02
C29 U3F E . 29.97 12.25 3.69
C4 U3F E . 30.08 6.13 -1.07
C5 U3F E . 30.38 7.33 -0.45
C6 U3F E . 30.16 8.55 -1.07
O7 U3F E . 30.32 4.99 -0.34
C8 U3F E . 30.64 5.49 1.00
C9 U3F E . 30.87 7.04 0.95
C10 U3F E . 29.50 5.14 1.98
CL18 U3F E . 29.38 9.99 -3.24
F25 U3F E . 28.84 9.53 1.18
O26 U3F E . 32.88 8.98 -2.10
N27 U3F E . 32.87 11.07 -2.97
O28 U3F E . 29.40 11.80 2.46
F30 U3F E . 30.16 13.59 3.61
F31 U3F E . 28.94 7.32 -4.29
F32 U3F E . 29.10 11.97 4.68
N33 U3F E . 31.91 3.34 1.29
C34 U3F E . 33.21 2.70 0.99
C35 U3F E . 33.06 1.17 1.09
C36 U3F E . 34.36 0.58 0.49
C37 U3F E . 35.54 0.91 1.42
C38 U3F E . 35.68 2.45 1.62
C39 U3F E . 34.32 3.12 1.99
O40 U3F E . 36.71 0.36 0.81
C2 U3O F . 20.79 -2.00 -3.18
C3 U3O F . 20.73 -0.66 -3.58
C4 U3O F . 19.50 -0.04 -3.76
C5 U3O F . 18.32 -0.78 -3.56
C6 U3O F . 18.40 -2.13 -3.22
C7 U3O F . 22.15 -2.69 -3.02
C13 U3O F . 16.83 1.14 -3.80
C14 U3O F . 16.06 1.61 -4.85
C17 U3O F . 17.11 3.38 -2.91
C18 U3O F . 17.31 2.02 -2.80
C20 U3O F . 14.68 2.29 -7.40
C21 U3O F . 15.96 2.26 -8.28
C22 U3O F . 13.43 2.50 -8.23
C1 U3O F . 19.62 -2.74 -3.05
F8 U3O F . 21.93 -4.02 -2.99
F9 U3O F . 22.93 -2.34 -4.07
F10 U3O F . 22.80 -2.38 -1.88
CL11 U3O F . 16.96 -3.08 -3.11
O12 U3O F . 17.05 -0.23 -3.78
C15 U3O F . 15.84 2.96 -4.95
C16 U3O F . 16.36 3.84 -3.99
S19 U3O F . 14.83 3.66 -6.21
O23 U3O F . 12.69 3.48 -8.12
O24 U3O F . 13.19 1.54 -9.12
CL25 U3O F . 15.94 5.53 -4.18
P PO4 G . 13.29 3.60 9.72
O1 PO4 G . 12.11 3.38 10.71
O2 PO4 G . 12.90 3.09 8.35
O3 PO4 G . 14.52 2.83 10.24
O4 PO4 G . 13.60 5.12 9.67
#